data_2ROM
#
_entry.id   2ROM
#
_cell.length_a   55.140
_cell.length_b   82.820
_cell.length_c   87.170
_cell.angle_alpha   90.00
_cell.angle_beta   90.00
_cell.angle_gamma   90.00
#
_symmetry.space_group_name_H-M   'P 21 21 21'
#
loop_
_entity.id
_entity.type
_entity.pdbx_description
1 polymer 'CYTOCHROME P450'
2 non-polymer 'PROTOPORPHYRIN IX CONTAINING FE'
3 non-polymer 'CARBON MONOXIDE'
4 water water
#
_entity_poly.entity_id   1
_entity_poly.type   'polypeptide(L)'
_entity_poly.pdbx_seq_one_letter_code
;MASGAPSFPFSRASGPEPPAEFAKLRATNPVSQVKLFDGSLAWLVTKHKDVCFVATSEKLSKVRTRQGFPELSASGKQAA
KAKPTFVDMDPPEHMHQRSMVEPTFTPEAVKNLQPYIQRTVDDLLEQMKQKGCANGPVDLVKEFALPVPSYIIYTLLGVP
FNDLEYLTQQNAIRTNGSSTAREASAANQELLDYLAILVEQRLVEPKDDIISKLCTEQVKPGNIDKSDAVQIAFLLLVAG
NATMVNMIALGVATLAQHPDQLAQLKANPSLAPQFVEELCRYHTASALAIKRTAKEDVMIGDKLVRANEGIIASNQSANR
DEEVFENPDEFNMNRKWPPQDPLGFGFGDHRCIAEHLAKAELTTVFSTLYQKFPDLKVAVPLGKINYTPLNRDVGIVDLP
VIF
;
_entity_poly.pdbx_strand_id   A
#
loop_
_chem_comp.id
_chem_comp.type
_chem_comp.name
_chem_comp.formula
CMO non-polymer 'CARBON MONOXIDE' 'C O'
HEM non-polymer 'PROTOPORPHYRIN IX CONTAINING FE' 'C34 H32 Fe N4 O4'
#
# COMPACT_ATOMS: atom_id res chain seq x y z
N ALA A 5 25.77 -14.82 -0.65
CA ALA A 5 24.38 -14.32 -0.80
C ALA A 5 24.33 -12.83 -0.55
N PRO A 6 23.76 -12.06 -1.49
CA PRO A 6 23.69 -10.61 -1.30
C PRO A 6 22.66 -10.27 -0.23
N SER A 7 22.93 -9.21 0.54
CA SER A 7 22.00 -8.81 1.58
C SER A 7 20.75 -8.17 0.97
N PHE A 8 19.62 -8.45 1.60
CA PHE A 8 18.32 -7.95 1.16
C PHE A 8 17.67 -7.27 2.36
N PRO A 9 16.85 -6.21 2.13
CA PRO A 9 16.47 -5.55 0.88
C PRO A 9 17.58 -4.93 0.05
N PHE A 10 17.36 -4.92 -1.25
CA PHE A 10 18.29 -4.33 -2.20
C PHE A 10 17.93 -2.84 -2.23
N SER A 11 18.89 -2.01 -2.60
CA SER A 11 18.63 -0.58 -2.71
C SER A 11 18.21 -0.26 -4.14
N ARG A 12 17.26 0.64 -4.27
CA ARG A 12 16.77 1.08 -5.57
C ARG A 12 17.93 1.68 -6.34
N ALA A 13 17.92 1.48 -7.66
CA ALA A 13 18.98 2.00 -8.53
C ALA A 13 19.09 3.52 -8.44
N SER A 14 17.94 4.16 -8.20
CA SER A 14 17.83 5.60 -8.08
C SER A 14 16.46 5.92 -7.47
N GLY A 15 16.21 7.21 -7.28
CA GLY A 15 14.96 7.66 -6.69
C GLY A 15 13.71 6.93 -7.14
N PRO A 16 13.32 7.07 -8.40
CA PRO A 16 12.13 6.41 -8.93
C PRO A 16 12.29 4.97 -9.48
N GLU A 17 13.50 4.44 -9.51
CA GLU A 17 13.75 3.12 -10.08
C GLU A 17 13.85 1.96 -9.09
N PRO A 18 13.51 0.74 -9.54
CA PRO A 18 13.56 -0.49 -8.72
C PRO A 18 15.02 -0.92 -8.59
N PRO A 19 15.32 -1.85 -7.67
CA PRO A 19 16.70 -2.30 -7.51
C PRO A 19 17.20 -2.86 -8.85
N ALA A 20 18.43 -2.55 -9.19
CA ALA A 20 19.02 -3.02 -10.44
C ALA A 20 19.19 -4.54 -10.50
N GLU A 21 19.26 -5.18 -9.34
CA GLU A 21 19.47 -6.63 -9.25
C GLU A 21 18.38 -7.51 -9.86
N PHE A 22 17.13 -7.11 -9.70
CA PHE A 22 16.00 -7.88 -10.20
C PHE A 22 16.10 -8.27 -11.66
N ALA A 23 16.41 -7.30 -12.51
CA ALA A 23 16.54 -7.55 -13.95
C ALA A 23 17.57 -8.63 -14.22
N LYS A 24 18.69 -8.59 -13.49
CA LYS A 24 19.76 -9.57 -13.63
C LYS A 24 19.34 -10.96 -13.13
N LEU A 25 18.70 -10.99 -11.97
CA LEU A 25 18.24 -12.24 -11.40
C LEU A 25 17.18 -12.90 -12.29
N ARG A 26 16.25 -12.10 -12.82
CA ARG A 26 15.20 -12.62 -13.71
C ARG A 26 15.83 -13.35 -14.89
N ALA A 27 16.87 -12.73 -15.43
CA ALA A 27 17.58 -13.25 -16.58
C ALA A 27 18.51 -14.45 -16.30
N THR A 28 19.30 -14.38 -15.22
CA THR A 28 20.25 -15.44 -14.90
C THR A 28 19.97 -16.39 -13.72
N ASN A 29 19.17 -15.97 -12.76
CA ASN A 29 18.90 -16.83 -11.60
C ASN A 29 17.61 -16.40 -10.89
N PRO A 30 16.45 -16.71 -11.51
CA PRO A 30 15.09 -16.39 -11.02
C PRO A 30 14.78 -16.71 -9.56
N VAL A 31 15.26 -17.86 -9.07
CA VAL A 31 15.03 -18.25 -7.69
C VAL A 31 16.40 -18.38 -7.04
N SER A 32 16.72 -17.43 -6.15
CA SER A 32 18.02 -17.40 -5.50
C SER A 32 17.92 -17.04 -4.03
N GLN A 33 19.02 -17.22 -3.31
CA GLN A 33 19.07 -16.92 -1.89
C GLN A 33 19.68 -15.55 -1.61
N VAL A 34 19.13 -14.87 -0.61
CA VAL A 34 19.62 -13.58 -0.20
C VAL A 34 19.90 -13.66 1.29
N LYS A 35 20.73 -12.77 1.77
CA LYS A 35 21.10 -12.73 3.18
C LYS A 35 20.32 -11.63 3.87
N LEU A 36 19.61 -11.99 4.94
CA LEU A 36 18.83 -11.02 5.69
C LEU A 36 19.70 -10.36 6.78
N PHE A 37 19.17 -9.32 7.43
CA PHE A 37 19.90 -8.58 8.45
C PHE A 37 20.49 -9.40 9.60
N ASP A 38 19.80 -10.46 10.00
CA ASP A 38 20.27 -11.31 11.09
C ASP A 38 21.15 -12.48 10.65
N GLY A 39 21.67 -12.41 9.42
CA GLY A 39 22.53 -13.46 8.91
C GLY A 39 21.83 -14.66 8.29
N SER A 40 20.52 -14.78 8.50
CA SER A 40 19.75 -15.90 7.94
C SER A 40 19.53 -15.76 6.43
N LEU A 41 19.33 -16.91 5.78
CA LEU A 41 19.12 -16.94 4.33
C LEU A 41 17.68 -17.18 3.97
N ALA A 42 17.24 -16.53 2.90
CA ALA A 42 15.89 -16.66 2.40
C ALA A 42 15.96 -16.74 0.88
N TRP A 43 14.93 -17.35 0.30
CA TRP A 43 14.82 -17.46 -1.14
C TRP A 43 14.06 -16.24 -1.67
N LEU A 44 14.53 -15.73 -2.80
CA LEU A 44 13.90 -14.58 -3.43
C LEU A 44 13.41 -15.02 -4.80
N VAL A 45 12.10 -14.88 -5.05
CA VAL A 45 11.56 -15.22 -6.36
C VAL A 45 11.30 -13.91 -7.10
N THR A 46 11.69 -13.87 -8.36
CA THR A 46 11.60 -12.66 -9.16
C THR A 46 10.70 -12.66 -10.41
N LYS A 47 10.35 -13.85 -10.89
CA LYS A 47 9.51 -13.99 -12.07
C LYS A 47 8.03 -13.94 -11.69
N HIS A 48 7.22 -13.34 -12.56
CA HIS A 48 5.80 -13.19 -12.36
C HIS A 48 5.14 -14.53 -12.05
N LYS A 49 5.45 -15.54 -12.86
CA LYS A 49 4.90 -16.89 -12.69
C LYS A 49 5.16 -17.48 -11.31
N ASP A 50 6.38 -17.29 -10.79
CA ASP A 50 6.78 -17.82 -9.49
C ASP A 50 6.20 -17.04 -8.33
N VAL A 51 6.02 -15.73 -8.51
CA VAL A 51 5.43 -14.90 -7.47
C VAL A 51 3.97 -15.34 -7.30
N CYS A 52 3.28 -15.59 -8.42
CA CYS A 52 1.89 -16.04 -8.36
C CYS A 52 1.80 -17.39 -7.67
N PHE A 53 2.82 -18.21 -7.89
CA PHE A 53 2.89 -19.53 -7.27
C PHE A 53 3.04 -19.37 -5.76
N VAL A 54 3.99 -18.54 -5.35
CA VAL A 54 4.23 -18.31 -3.93
C VAL A 54 3.01 -17.73 -3.22
N ALA A 55 2.28 -16.86 -3.90
CA ALA A 55 1.10 -16.22 -3.30
C ALA A 55 -0.11 -17.12 -3.20
N THR A 56 -0.10 -18.25 -3.90
CA THR A 56 -1.24 -19.16 -3.88
C THR A 56 -0.99 -20.57 -3.31
N SER A 57 0.27 -21.00 -3.27
CA SER A 57 0.60 -22.33 -2.78
C SER A 57 0.07 -22.60 -1.38
N GLU A 58 -0.50 -23.78 -1.22
CA GLU A 58 -1.06 -24.25 0.03
C GLU A 58 0.05 -24.77 0.95
N LYS A 59 1.21 -25.04 0.36
CA LYS A 59 2.36 -25.55 1.10
C LYS A 59 3.17 -24.43 1.77
N LEU A 60 2.72 -23.20 1.59
CA LEU A 60 3.38 -22.03 2.14
C LEU A 60 2.56 -21.37 3.25
N SER A 61 3.25 -20.85 4.27
CA SER A 61 2.60 -20.23 5.42
C SER A 61 2.89 -18.75 5.64
N LYS A 62 1.87 -18.03 6.11
CA LYS A 62 1.96 -16.59 6.38
C LYS A 62 2.19 -16.32 7.87
N VAL A 63 2.08 -17.35 8.71
CA VAL A 63 2.27 -17.17 10.16
C VAL A 63 3.65 -16.61 10.47
N ARG A 64 3.68 -15.46 11.15
CA ARG A 64 4.94 -14.81 11.49
C ARG A 64 5.72 -15.44 12.62
N THR A 65 5.05 -16.26 13.43
CA THR A 65 5.72 -16.91 14.55
C THR A 65 6.57 -18.11 14.12
N ARG A 66 6.25 -18.69 12.96
CA ARG A 66 6.99 -19.85 12.46
C ARG A 66 8.46 -19.54 12.28
N GLN A 67 9.32 -20.38 12.85
CA GLN A 67 10.76 -20.19 12.71
C GLN A 67 11.07 -20.37 11.24
N GLY A 68 11.64 -19.33 10.64
CA GLY A 68 11.97 -19.36 9.24
C GLY A 68 11.34 -18.19 8.51
N PHE A 69 10.32 -17.57 9.12
CA PHE A 69 9.67 -16.44 8.50
C PHE A 69 10.71 -15.33 8.25
N PRO A 70 10.78 -14.83 7.01
CA PRO A 70 11.76 -13.80 6.69
C PRO A 70 11.49 -12.37 7.16
N GLU A 71 11.90 -12.07 8.40
CA GLU A 71 11.74 -10.71 8.93
C GLU A 71 12.90 -9.92 8.32
N LEU A 72 12.60 -8.72 7.84
CA LEU A 72 13.61 -7.89 7.20
C LEU A 72 14.37 -6.93 8.11
N SER A 73 13.90 -6.76 9.34
CA SER A 73 14.55 -5.85 10.30
C SER A 73 14.35 -6.30 11.74
N ALA A 74 15.14 -5.72 12.65
CA ALA A 74 15.05 -6.06 14.06
C ALA A 74 13.68 -5.70 14.62
N SER A 75 13.15 -4.56 14.19
CA SER A 75 11.84 -4.10 14.63
C SER A 75 10.75 -5.05 14.14
N GLY A 76 10.90 -5.55 12.92
CA GLY A 76 9.94 -6.49 12.36
C GLY A 76 9.83 -7.74 13.21
N LYS A 77 10.94 -8.14 13.83
CA LYS A 77 10.98 -9.32 14.67
C LYS A 77 10.23 -9.09 15.97
N GLN A 78 10.25 -7.85 16.46
CA GLN A 78 9.56 -7.50 17.69
C GLN A 78 8.05 -7.35 17.48
N ALA A 79 7.66 -7.02 16.25
CA ALA A 79 6.25 -6.84 15.91
C ALA A 79 5.54 -8.18 15.72
N ALA A 80 6.32 -9.24 15.49
CA ALA A 80 5.79 -10.58 15.27
C ALA A 80 5.18 -11.22 16.52
N LYS A 81 5.51 -10.69 17.70
CA LYS A 81 5.00 -11.23 18.96
C LYS A 81 3.56 -10.81 19.29
N ALA A 82 3.11 -9.69 18.74
CA ALA A 82 1.77 -9.17 18.99
C ALA A 82 0.70 -10.15 18.49
N LYS A 83 -0.52 -10.03 19.01
CA LYS A 83 -1.62 -10.89 18.60
C LYS A 83 -1.93 -10.68 17.13
N PRO A 84 -1.92 -11.77 16.34
CA PRO A 84 -2.20 -11.74 14.90
C PRO A 84 -3.62 -11.45 14.44
N THR A 85 -3.71 -10.69 13.36
CA THR A 85 -4.98 -10.36 12.70
C THR A 85 -4.93 -11.19 11.42
N PHE A 86 -6.00 -11.18 10.64
CA PHE A 86 -6.04 -11.98 9.42
C PHE A 86 -4.86 -11.81 8.46
N VAL A 87 -4.20 -10.65 8.52
CA VAL A 87 -3.07 -10.41 7.64
C VAL A 87 -1.95 -11.40 7.89
N ASP A 88 -1.86 -11.90 9.11
CA ASP A 88 -0.81 -12.87 9.47
C ASP A 88 -1.37 -14.27 9.65
N MET A 89 -2.57 -14.52 9.11
CA MET A 89 -3.20 -15.82 9.24
C MET A 89 -3.27 -16.63 7.97
N ASP A 90 -3.34 -17.94 8.15
CA ASP A 90 -3.45 -18.91 7.07
C ASP A 90 -4.88 -19.43 7.11
N PRO A 91 -5.31 -20.15 6.05
CA PRO A 91 -6.67 -20.69 6.05
C PRO A 91 -6.74 -21.75 7.15
N PRO A 92 -7.93 -21.95 7.75
CA PRO A 92 -9.19 -21.27 7.48
C PRO A 92 -9.44 -20.01 8.30
N GLU A 93 -8.58 -19.75 9.28
CA GLU A 93 -8.74 -18.57 10.14
C GLU A 93 -8.69 -17.26 9.36
N HIS A 94 -7.89 -17.24 8.29
CA HIS A 94 -7.74 -16.05 7.46
C HIS A 94 -9.04 -15.51 6.90
N MET A 95 -9.73 -16.30 6.08
CA MET A 95 -10.98 -15.82 5.50
C MET A 95 -12.07 -15.63 6.54
N HIS A 96 -11.97 -16.40 7.63
CA HIS A 96 -12.93 -16.29 8.72
C HIS A 96 -12.91 -14.87 9.28
N GLN A 97 -11.72 -14.34 9.52
CA GLN A 97 -11.60 -12.98 10.05
C GLN A 97 -11.70 -11.88 8.98
N ARG A 98 -11.10 -12.12 7.82
CA ARG A 98 -11.16 -11.15 6.74
C ARG A 98 -12.60 -10.88 6.27
N SER A 99 -13.44 -11.92 6.27
CA SER A 99 -14.82 -11.78 5.83
C SER A 99 -15.68 -10.85 6.71
N MET A 100 -15.21 -10.60 7.94
CA MET A 100 -15.93 -9.71 8.85
C MET A 100 -15.93 -8.26 8.36
N VAL A 101 -14.83 -7.85 7.73
CA VAL A 101 -14.68 -6.48 7.24
C VAL A 101 -14.70 -6.30 5.72
N GLU A 102 -14.54 -7.39 4.96
CA GLU A 102 -14.52 -7.30 3.50
C GLU A 102 -15.74 -6.68 2.77
N PRO A 103 -16.96 -6.83 3.32
CA PRO A 103 -18.13 -6.26 2.64
C PRO A 103 -18.08 -4.77 2.28
N THR A 104 -17.35 -3.98 3.06
CA THR A 104 -17.25 -2.55 2.78
C THR A 104 -16.28 -2.28 1.63
N PHE A 105 -15.43 -3.27 1.34
CA PHE A 105 -14.42 -3.14 0.31
C PHE A 105 -14.72 -3.80 -1.02
N THR A 106 -15.91 -4.40 -1.15
CA THR A 106 -16.28 -5.04 -2.40
C THR A 106 -16.45 -4.02 -3.52
N PRO A 107 -16.35 -4.47 -4.79
CA PRO A 107 -16.50 -3.59 -5.94
C PRO A 107 -17.78 -2.74 -5.93
N GLU A 108 -18.90 -3.32 -5.50
CA GLU A 108 -20.15 -2.57 -5.46
C GLU A 108 -20.21 -1.58 -4.30
N ALA A 109 -19.73 -1.98 -3.14
CA ALA A 109 -19.73 -1.08 -1.99
C ALA A 109 -18.87 0.15 -2.35
N VAL A 110 -17.75 -0.11 -3.03
CA VAL A 110 -16.84 0.97 -3.45
C VAL A 110 -17.47 1.86 -4.52
N LYS A 111 -18.32 1.27 -5.36
CA LYS A 111 -19.02 1.99 -6.42
C LYS A 111 -20.03 2.96 -5.78
N ASN A 112 -20.64 2.55 -4.67
CA ASN A 112 -21.59 3.40 -3.97
C ASN A 112 -20.88 4.46 -3.14
N LEU A 113 -19.58 4.26 -2.95
CA LEU A 113 -18.73 5.19 -2.20
C LEU A 113 -18.16 6.27 -3.10
N GLN A 114 -18.35 6.13 -4.41
CA GLN A 114 -17.83 7.10 -5.36
C GLN A 114 -18.25 8.57 -5.14
N PRO A 115 -19.55 8.83 -4.92
CA PRO A 115 -19.94 10.23 -4.70
C PRO A 115 -19.21 10.87 -3.51
N TYR A 116 -18.98 10.08 -2.47
CA TYR A 116 -18.28 10.57 -1.28
C TYR A 116 -16.80 10.80 -1.56
N ILE A 117 -16.16 9.82 -2.20
CA ILE A 117 -14.75 9.93 -2.54
C ILE A 117 -14.54 11.18 -3.41
N GLN A 118 -15.43 11.38 -4.38
CA GLN A 118 -15.32 12.54 -5.28
C GLN A 118 -15.45 13.84 -4.50
N ARG A 119 -16.40 13.87 -3.56
CA ARG A 119 -16.67 15.04 -2.73
C ARG A 119 -15.45 15.41 -1.88
N THR A 120 -14.84 14.39 -1.27
CA THR A 120 -13.65 14.55 -0.44
C THR A 120 -12.50 15.13 -1.25
N VAL A 121 -12.27 14.56 -2.44
CA VAL A 121 -11.22 15.03 -3.34
C VAL A 121 -11.48 16.48 -3.78
N ASP A 122 -12.74 16.80 -4.10
CA ASP A 122 -13.10 18.15 -4.52
C ASP A 122 -12.84 19.19 -3.45
N ASP A 123 -13.19 18.83 -2.21
CA ASP A 123 -13.03 19.72 -1.07
C ASP A 123 -11.57 20.02 -0.75
N LEU A 124 -10.72 19.00 -0.82
CA LEU A 124 -9.30 19.19 -0.54
C LEU A 124 -8.59 19.96 -1.64
N LEU A 125 -9.06 19.82 -2.88
CA LEU A 125 -8.47 20.55 -3.99
C LEU A 125 -8.89 22.00 -3.84
N GLU A 126 -10.15 22.20 -3.47
CA GLU A 126 -10.72 23.52 -3.26
C GLU A 126 -9.97 24.27 -2.15
N GLN A 127 -9.61 23.53 -1.11
CA GLN A 127 -8.87 24.12 0.01
C GLN A 127 -7.48 24.53 -0.44
N MET A 128 -6.83 23.65 -1.18
CA MET A 128 -5.49 23.90 -1.70
C MET A 128 -5.51 25.10 -2.65
N LYS A 129 -6.67 25.34 -3.27
CA LYS A 129 -6.82 26.46 -4.20
C LYS A 129 -6.96 27.76 -3.43
N GLN A 130 -7.61 27.70 -2.27
CA GLN A 130 -7.82 28.87 -1.41
C GLN A 130 -6.54 29.17 -0.64
N LYS A 131 -5.85 28.10 -0.22
CA LYS A 131 -4.59 28.17 0.52
C LYS A 131 -3.67 29.13 -0.24
N GLY A 132 -3.60 28.94 -1.56
CA GLY A 132 -2.78 29.79 -2.39
C GLY A 132 -1.43 29.23 -2.77
N CYS A 133 -0.83 29.88 -3.75
CA CYS A 133 0.47 29.50 -4.31
C CYS A 133 1.29 30.77 -4.51
N ALA A 134 0.75 31.89 -4.01
CA ALA A 134 1.35 33.23 -4.13
C ALA A 134 2.74 33.45 -3.54
N ASN A 135 2.97 32.98 -2.32
CA ASN A 135 4.26 33.17 -1.66
C ASN A 135 5.21 31.98 -1.84
N GLY A 136 5.02 31.23 -2.92
CA GLY A 136 5.87 30.09 -3.18
C GLY A 136 5.09 28.80 -3.34
N PRO A 137 5.77 27.71 -3.71
CA PRO A 137 5.14 26.40 -3.91
C PRO A 137 4.56 25.75 -2.67
N VAL A 138 3.55 24.91 -2.90
CA VAL A 138 2.85 24.16 -1.86
C VAL A 138 3.36 22.72 -1.86
N ASP A 139 3.36 22.09 -0.69
CA ASP A 139 3.76 20.69 -0.62
C ASP A 139 2.52 19.89 -0.91
N LEU A 140 2.49 19.26 -2.08
CA LEU A 140 1.34 18.46 -2.47
C LEU A 140 1.05 17.31 -1.51
N VAL A 141 2.08 16.80 -0.86
CA VAL A 141 1.88 15.69 0.07
C VAL A 141 1.10 16.08 1.33
N LYS A 142 1.54 17.09 2.07
CA LYS A 142 0.81 17.48 3.27
C LYS A 142 -0.55 18.11 3.00
N GLU A 143 -0.65 18.89 1.93
CA GLU A 143 -1.90 19.57 1.58
C GLU A 143 -2.94 18.75 0.84
N PHE A 144 -2.52 17.67 0.18
CA PHE A 144 -3.46 16.88 -0.60
C PHE A 144 -3.26 15.37 -0.55
N ALA A 145 -2.05 14.90 -0.89
CA ALA A 145 -1.76 13.48 -0.90
C ALA A 145 -1.97 12.77 0.43
N LEU A 146 -1.62 13.44 1.53
CA LEU A 146 -1.79 12.86 2.85
C LEU A 146 -3.24 12.84 3.35
N PRO A 147 -3.96 13.98 3.27
CA PRO A 147 -5.35 14.07 3.72
C PRO A 147 -6.38 13.21 2.99
N VAL A 148 -6.24 13.09 1.67
CA VAL A 148 -7.19 12.31 0.87
C VAL A 148 -7.42 10.87 1.37
N PRO A 149 -6.37 10.04 1.42
CA PRO A 149 -6.53 8.66 1.90
C PRO A 149 -6.95 8.58 3.37
N SER A 150 -6.36 9.44 4.19
CA SER A 150 -6.63 9.45 5.62
C SER A 150 -8.08 9.75 6.01
N TYR A 151 -8.62 10.86 5.50
CA TYR A 151 -9.99 11.25 5.78
C TYR A 151 -10.96 10.14 5.39
N ILE A 152 -10.75 9.57 4.21
CA ILE A 152 -11.60 8.50 3.71
C ILE A 152 -11.57 7.28 4.63
N ILE A 153 -10.40 6.72 4.90
CA ILE A 153 -10.32 5.54 5.75
C ILE A 153 -10.85 5.82 7.16
N TYR A 154 -10.53 7.00 7.68
CA TYR A 154 -10.98 7.39 9.01
C TYR A 154 -12.51 7.48 9.05
N THR A 155 -13.08 8.04 7.99
CA THR A 155 -14.54 8.18 7.90
C THR A 155 -15.23 6.81 7.76
N LEU A 156 -14.61 5.91 6.99
CA LEU A 156 -15.17 4.57 6.82
C LEU A 156 -15.16 3.80 8.11
N LEU A 157 -14.13 4.04 8.92
CA LEU A 157 -14.00 3.39 10.22
C LEU A 157 -15.04 3.90 11.19
N GLY A 158 -15.30 5.21 11.14
CA GLY A 158 -16.30 5.79 12.01
C GLY A 158 -15.92 7.04 12.76
N VAL A 159 -14.77 7.62 12.41
CA VAL A 159 -14.26 8.83 13.05
C VAL A 159 -15.08 10.07 12.70
N PRO A 160 -15.37 10.92 13.71
CA PRO A 160 -16.14 12.16 13.55
C PRO A 160 -15.37 13.10 12.65
N PHE A 161 -16.06 13.90 11.84
CA PHE A 161 -15.41 14.82 10.92
C PHE A 161 -14.40 15.79 11.52
N ASN A 162 -14.75 16.43 12.63
CA ASN A 162 -13.83 17.41 13.21
C ASN A 162 -12.56 16.82 13.82
N ASP A 163 -12.51 15.49 13.97
CA ASP A 163 -11.34 14.81 14.52
C ASP A 163 -10.35 14.34 13.46
N LEU A 164 -10.76 14.42 12.19
CA LEU A 164 -9.94 13.98 11.06
C LEU A 164 -8.56 14.63 10.92
N GLU A 165 -8.50 15.96 11.04
CA GLU A 165 -7.24 16.66 10.89
C GLU A 165 -6.20 16.30 11.93
N TYR A 166 -6.63 16.16 13.18
CA TYR A 166 -5.70 15.81 14.24
C TYR A 166 -5.24 14.37 14.10
N LEU A 167 -6.19 13.47 13.81
CA LEU A 167 -5.86 12.05 13.66
C LEU A 167 -5.02 11.74 12.42
N THR A 168 -5.19 12.54 11.38
CA THR A 168 -4.43 12.39 10.14
C THR A 168 -2.97 12.73 10.43
N GLN A 169 -2.77 13.78 11.22
CA GLN A 169 -1.44 14.24 11.61
C GLN A 169 -0.70 13.19 12.45
N GLN A 170 -1.40 12.59 13.41
CA GLN A 170 -0.81 11.57 14.28
C GLN A 170 -0.36 10.30 13.54
N ASN A 171 -1.20 9.83 12.61
CA ASN A 171 -0.88 8.64 11.84
C ASN A 171 0.36 8.87 10.97
N ALA A 172 0.51 10.11 10.49
CA ALA A 172 1.65 10.49 9.66
C ALA A 172 2.94 10.40 10.48
N ILE A 173 2.84 10.67 11.78
CA ILE A 173 3.98 10.62 12.71
C ILE A 173 4.59 9.22 12.81
N ARG A 174 3.75 8.19 12.84
CA ARG A 174 4.25 6.83 12.95
C ARG A 174 5.21 6.47 11.82
N THR A 175 4.84 6.86 10.59
CA THR A 175 5.64 6.56 9.41
C THR A 175 6.59 7.67 8.94
N ASN A 176 6.74 8.71 9.75
CA ASN A 176 7.64 9.81 9.40
C ASN A 176 9.07 9.41 9.70
N GLY A 177 9.96 9.62 8.74
CA GLY A 177 11.36 9.28 8.93
C GLY A 177 12.03 10.08 10.02
N SER A 178 11.65 11.35 10.14
CA SER A 178 12.19 12.27 11.14
C SER A 178 11.56 12.08 12.52
N SER A 179 10.95 10.92 12.75
CA SER A 179 10.31 10.65 14.02
C SER A 179 11.08 9.66 14.88
N THR A 180 11.27 10.04 16.14
CA THR A 180 11.97 9.21 17.12
C THR A 180 11.14 7.96 17.36
N ALA A 181 11.76 6.93 17.93
CA ALA A 181 11.05 5.69 18.26
C ALA A 181 10.02 6.08 19.34
N ARG A 182 10.35 7.14 20.09
CA ARG A 182 9.50 7.68 21.14
C ARG A 182 8.19 8.18 20.55
N GLU A 183 8.32 9.15 19.65
CA GLU A 183 7.19 9.79 18.97
C GLU A 183 6.29 8.80 18.21
N ALA A 184 6.91 7.86 17.51
CA ALA A 184 6.19 6.87 16.72
C ALA A 184 5.29 5.98 17.58
N SER A 185 5.81 5.55 18.73
CA SER A 185 5.06 4.68 19.65
C SER A 185 3.99 5.42 20.45
N ALA A 186 4.21 6.70 20.72
CA ALA A 186 3.24 7.52 21.45
C ALA A 186 2.07 7.80 20.50
N ALA A 187 2.38 7.87 19.20
CA ALA A 187 1.38 8.10 18.17
C ALA A 187 0.55 6.84 18.00
N ASN A 188 1.19 5.69 18.12
CA ASN A 188 0.52 4.38 18.02
C ASN A 188 -0.49 4.15 19.12
N GLN A 189 -0.11 4.41 20.36
CA GLN A 189 -1.02 4.23 21.49
C GLN A 189 -2.13 5.26 21.52
N GLU A 190 -1.83 6.46 21.00
CA GLU A 190 -2.80 7.55 20.93
C GLU A 190 -3.96 7.09 20.05
N LEU A 191 -3.61 6.57 18.87
CA LEU A 191 -4.57 6.06 17.90
C LEU A 191 -5.26 4.83 18.46
N LEU A 192 -4.48 3.93 19.05
CA LEU A 192 -5.04 2.72 19.62
C LEU A 192 -6.05 3.05 20.70
N ASP A 193 -5.68 4.00 21.55
CA ASP A 193 -6.55 4.42 22.65
C ASP A 193 -7.86 5.03 22.16
N TYR A 194 -7.78 5.86 21.12
CA TYR A 194 -8.93 6.52 20.52
C TYR A 194 -9.90 5.51 19.90
N LEU A 195 -9.35 4.51 19.21
CA LEU A 195 -10.17 3.47 18.57
C LEU A 195 -10.93 2.63 19.60
N ALA A 196 -10.30 2.36 20.72
CA ALA A 196 -10.91 1.58 21.80
C ALA A 196 -12.10 2.33 22.40
N ILE A 197 -11.99 3.65 22.46
CA ILE A 197 -13.06 4.50 22.99
C ILE A 197 -14.21 4.53 21.98
N LEU A 198 -13.86 4.59 20.70
CA LEU A 198 -14.83 4.61 19.62
C LEU A 198 -15.61 3.28 19.59
N VAL A 199 -14.91 2.19 19.93
CA VAL A 199 -15.51 0.87 19.99
C VAL A 199 -16.53 0.83 21.13
N GLU A 200 -16.19 1.45 22.25
CA GLU A 200 -17.10 1.47 23.40
C GLU A 200 -18.38 2.23 23.05
N GLN A 201 -18.24 3.29 22.27
CA GLN A 201 -19.37 4.10 21.85
C GLN A 201 -20.32 3.36 20.92
N ARG A 202 -19.76 2.78 19.85
CA ARG A 202 -20.55 2.08 18.86
C ARG A 202 -21.23 0.81 19.37
N LEU A 203 -20.78 0.30 20.52
CA LEU A 203 -21.41 -0.88 21.11
C LEU A 203 -22.73 -0.40 21.72
N VAL A 204 -22.67 0.78 22.32
CA VAL A 204 -23.84 1.42 22.94
C VAL A 204 -24.74 1.92 21.83
N GLU A 205 -24.23 2.85 21.03
CA GLU A 205 -24.99 3.40 19.91
C GLU A 205 -24.22 3.28 18.60
N PRO A 206 -24.47 2.18 17.87
CA PRO A 206 -23.83 1.89 16.59
C PRO A 206 -24.24 2.88 15.51
N LYS A 207 -23.48 2.90 14.42
CA LYS A 207 -23.74 3.78 13.29
C LYS A 207 -23.46 3.08 11.98
N ASP A 208 -23.34 3.87 10.92
CA ASP A 208 -23.08 3.35 9.58
C ASP A 208 -21.58 3.45 9.31
N ASP A 209 -20.80 2.58 9.96
CA ASP A 209 -19.35 2.55 9.80
C ASP A 209 -18.79 1.17 10.10
N ILE A 210 -17.55 0.93 9.71
CA ILE A 210 -16.92 -0.37 9.93
C ILE A 210 -16.88 -0.84 11.38
N ILE A 211 -16.59 0.06 12.31
CA ILE A 211 -16.54 -0.29 13.73
C ILE A 211 -17.91 -0.75 14.27
N SER A 212 -18.98 -0.05 13.89
CA SER A 212 -20.32 -0.42 14.34
C SER A 212 -20.73 -1.79 13.78
N LYS A 213 -20.24 -2.12 12.59
CA LYS A 213 -20.54 -3.41 11.99
C LYS A 213 -19.84 -4.50 12.78
N LEU A 214 -18.60 -4.25 13.19
CA LEU A 214 -17.85 -5.22 13.98
C LEU A 214 -18.47 -5.43 15.36
N CYS A 215 -18.92 -4.33 15.96
CA CYS A 215 -19.54 -4.36 17.28
C CYS A 215 -20.86 -5.13 17.29
N THR A 216 -21.71 -4.82 16.31
CA THR A 216 -23.03 -5.43 16.15
C THR A 216 -23.00 -6.89 15.73
N GLU A 217 -22.28 -7.16 14.63
CA GLU A 217 -22.18 -8.50 14.06
C GLU A 217 -21.20 -9.49 14.65
N GLN A 218 -20.12 -9.02 15.26
CA GLN A 218 -19.11 -9.91 15.81
C GLN A 218 -18.86 -9.82 17.30
N VAL A 219 -18.79 -8.59 17.82
CA VAL A 219 -18.52 -8.39 19.25
C VAL A 219 -19.70 -8.82 20.14
N LYS A 220 -20.87 -8.22 19.89
CA LYS A 220 -22.07 -8.55 20.66
C LYS A 220 -22.36 -10.05 20.63
N PRO A 221 -22.45 -10.67 19.43
CA PRO A 221 -22.72 -12.10 19.30
C PRO A 221 -21.66 -12.98 19.97
N GLY A 222 -20.58 -12.35 20.43
CA GLY A 222 -19.49 -13.07 21.07
C GLY A 222 -18.55 -13.75 20.11
N ASN A 223 -18.57 -13.33 18.85
CA ASN A 223 -17.70 -13.91 17.80
C ASN A 223 -16.24 -13.49 18.00
N ILE A 224 -16.03 -12.24 18.41
CA ILE A 224 -14.68 -11.74 18.67
C ILE A 224 -14.72 -10.86 19.91
N ASP A 225 -13.54 -10.58 20.47
CA ASP A 225 -13.44 -9.74 21.65
C ASP A 225 -13.40 -8.26 21.28
N LYS A 226 -13.58 -7.40 22.28
CA LYS A 226 -13.54 -5.95 22.13
C LYS A 226 -12.21 -5.51 21.55
N SER A 227 -11.13 -6.03 22.13
CA SER A 227 -9.77 -5.71 21.70
C SER A 227 -9.45 -6.24 20.31
N ASP A 228 -10.25 -7.19 19.84
CA ASP A 228 -10.07 -7.74 18.49
C ASP A 228 -10.63 -6.74 17.49
N ALA A 229 -11.76 -6.13 17.84
CA ALA A 229 -12.39 -5.11 17.00
C ALA A 229 -11.43 -3.93 16.87
N VAL A 230 -10.68 -3.66 17.94
CA VAL A 230 -9.71 -2.58 18.00
C VAL A 230 -8.50 -2.86 17.09
N GLN A 231 -7.98 -4.09 17.16
CA GLN A 231 -6.83 -4.50 16.36
C GLN A 231 -7.14 -4.52 14.86
N ILE A 232 -8.34 -4.99 14.50
CA ILE A 232 -8.75 -5.05 13.09
C ILE A 232 -8.91 -3.63 12.57
N ALA A 233 -9.53 -2.77 13.38
CA ALA A 233 -9.74 -1.36 13.03
C ALA A 233 -8.40 -0.66 12.81
N PHE A 234 -7.45 -0.93 13.69
CA PHE A 234 -6.14 -0.34 13.61
C PHE A 234 -5.41 -0.85 12.37
N LEU A 235 -5.56 -2.14 12.09
CA LEU A 235 -4.92 -2.75 10.92
C LEU A 235 -5.38 -2.06 9.64
N LEU A 236 -6.69 -1.82 9.54
CA LEU A 236 -7.27 -1.19 8.38
C LEU A 236 -6.80 0.25 8.19
N LEU A 237 -6.50 0.92 9.29
CA LEU A 237 -6.03 2.30 9.24
C LEU A 237 -4.55 2.43 8.85
N VAL A 238 -3.70 1.63 9.47
CA VAL A 238 -2.26 1.69 9.23
C VAL A 238 -1.71 0.91 8.02
N ALA A 239 -2.42 -0.15 7.63
CA ALA A 239 -1.99 -1.01 6.53
C ALA A 239 -1.50 -0.35 5.25
N GLY A 240 -2.36 0.41 4.58
CA GLY A 240 -1.93 1.01 3.33
C GLY A 240 -2.04 2.50 3.20
N ASN A 241 -2.27 3.22 4.30
CA ASN A 241 -2.40 4.66 4.21
C ASN A 241 -1.15 5.32 3.65
N ALA A 242 0.01 5.01 4.24
CA ALA A 242 1.27 5.60 3.77
C ALA A 242 1.53 5.27 2.29
N THR A 243 1.13 4.07 1.88
CA THR A 243 1.31 3.63 0.50
C THR A 243 0.44 4.44 -0.45
N MET A 244 -0.80 4.74 -0.04
CA MET A 244 -1.72 5.55 -0.85
C MET A 244 -1.16 6.95 -1.05
N VAL A 245 -0.61 7.51 0.02
CA VAL A 245 -0.02 8.85 -0.02
C VAL A 245 1.08 8.89 -1.05
N ASN A 246 1.95 7.88 -1.01
CA ASN A 246 3.07 7.77 -1.94
C ASN A 246 2.61 7.58 -3.39
N MET A 247 1.59 6.75 -3.60
CA MET A 247 1.05 6.48 -4.94
C MET A 247 0.52 7.75 -5.61
N ILE A 248 -0.15 8.60 -4.82
CA ILE A 248 -0.69 9.85 -5.33
C ILE A 248 0.45 10.78 -5.76
N ALA A 249 1.45 10.93 -4.89
CA ALA A 249 2.61 11.77 -5.17
C ALA A 249 3.41 11.21 -6.36
N LEU A 250 3.62 9.90 -6.36
CA LEU A 250 4.34 9.21 -7.43
C LEU A 250 3.61 9.41 -8.76
N GLY A 251 2.28 9.40 -8.73
CA GLY A 251 1.51 9.62 -9.95
C GLY A 251 1.76 11.01 -10.53
N VAL A 252 1.79 12.03 -9.68
CA VAL A 252 2.04 13.40 -10.11
C VAL A 252 3.47 13.55 -10.64
N ALA A 253 4.44 12.97 -9.94
CA ALA A 253 5.83 13.05 -10.38
C ALA A 253 6.02 12.34 -11.72
N THR A 254 5.34 11.22 -11.90
CA THR A 254 5.43 10.44 -13.16
C THR A 254 4.87 11.21 -14.35
N LEU A 255 3.80 11.99 -14.13
CA LEU A 255 3.18 12.78 -15.19
C LEU A 255 4.06 13.98 -15.56
N ALA A 256 4.83 14.48 -14.59
CA ALA A 256 5.74 15.59 -14.83
C ALA A 256 6.91 15.08 -15.67
N GLN A 257 7.26 13.81 -15.45
CA GLN A 257 8.35 13.16 -16.17
C GLN A 257 8.02 12.83 -17.62
N HIS A 258 6.74 12.58 -17.90
CA HIS A 258 6.30 12.24 -19.26
C HIS A 258 5.19 13.20 -19.69
N PRO A 259 5.55 14.37 -20.23
CA PRO A 259 4.63 15.42 -20.68
C PRO A 259 3.59 14.90 -21.66
N ASP A 260 3.96 13.86 -22.41
CA ASP A 260 3.08 13.22 -23.39
C ASP A 260 1.92 12.50 -22.70
N GLN A 261 2.23 11.80 -21.61
CA GLN A 261 1.23 11.07 -20.84
C GLN A 261 0.27 12.08 -20.20
N LEU A 262 0.83 13.17 -19.69
CA LEU A 262 0.07 14.25 -19.05
C LEU A 262 -0.89 14.89 -20.06
N ALA A 263 -0.37 15.20 -21.24
CA ALA A 263 -1.17 15.82 -22.29
C ALA A 263 -2.41 14.98 -22.61
N GLN A 264 -2.22 13.66 -22.68
CA GLN A 264 -3.33 12.74 -22.96
C GLN A 264 -4.39 12.77 -21.87
N LEU A 265 -3.96 12.69 -20.61
CA LEU A 265 -4.86 12.67 -19.48
C LEU A 265 -5.66 13.97 -19.40
N LYS A 266 -5.00 15.11 -19.60
CA LYS A 266 -5.67 16.41 -19.57
C LYS A 266 -6.71 16.48 -20.68
N ALA A 267 -6.35 15.97 -21.85
CA ALA A 267 -7.26 15.97 -23.00
C ALA A 267 -8.43 15.02 -22.77
N ASN A 268 -8.18 13.92 -22.07
CA ASN A 268 -9.23 12.94 -21.79
C ASN A 268 -9.09 12.34 -20.40
N PRO A 269 -9.80 12.92 -19.42
CA PRO A 269 -9.79 12.49 -18.02
C PRO A 269 -10.28 11.06 -17.87
N SER A 270 -11.04 10.60 -18.86
CA SER A 270 -11.59 9.24 -18.84
C SER A 270 -10.50 8.17 -18.99
N LEU A 271 -9.26 8.61 -19.15
CA LEU A 271 -8.10 7.72 -19.27
C LEU A 271 -7.52 7.44 -17.88
N ALA A 272 -8.06 8.08 -16.85
CA ALA A 272 -7.59 7.91 -15.48
C ALA A 272 -7.47 6.45 -15.03
N PRO A 273 -8.46 5.60 -15.38
CA PRO A 273 -8.38 4.19 -14.98
C PRO A 273 -7.16 3.51 -15.60
N GLN A 274 -6.87 3.87 -16.85
CA GLN A 274 -5.73 3.31 -17.56
C GLN A 274 -4.43 3.84 -16.99
N PHE A 275 -4.45 5.10 -16.56
CA PHE A 275 -3.26 5.70 -15.96
C PHE A 275 -2.96 5.04 -14.62
N VAL A 276 -4.03 4.78 -13.86
CA VAL A 276 -3.92 4.18 -12.55
C VAL A 276 -3.40 2.74 -12.62
N GLU A 277 -3.86 1.98 -13.60
CA GLU A 277 -3.42 0.59 -13.77
C GLU A 277 -1.92 0.51 -14.07
N GLU A 278 -1.44 1.38 -14.95
CA GLU A 278 -0.03 1.42 -15.32
C GLU A 278 0.83 1.94 -14.15
N LEU A 279 0.29 2.88 -13.40
CA LEU A 279 1.00 3.45 -12.25
C LEU A 279 1.26 2.39 -11.16
N CYS A 280 0.25 1.56 -10.90
CA CYS A 280 0.34 0.51 -9.89
C CYS A 280 1.23 -0.66 -10.30
N ARG A 281 1.51 -0.75 -11.60
CA ARG A 281 2.40 -1.79 -12.11
C ARG A 281 3.80 -1.20 -12.07
N TYR A 282 3.94 -0.03 -12.68
CA TYR A 282 5.20 0.68 -12.78
C TYR A 282 5.80 1.02 -11.43
N HIS A 283 5.00 1.62 -10.56
CA HIS A 283 5.48 1.97 -9.23
C HIS A 283 4.86 1.05 -8.20
N THR A 284 5.57 -0.04 -7.90
CA THR A 284 5.11 -1.03 -6.92
C THR A 284 5.53 -0.51 -5.56
N ALA A 285 4.70 0.37 -4.99
CA ALA A 285 4.98 1.02 -3.72
C ALA A 285 5.03 0.11 -2.50
N SER A 286 4.52 -1.11 -2.62
CA SER A 286 4.59 -2.08 -1.53
C SER A 286 5.19 -3.33 -2.16
N ALA A 287 6.50 -3.48 -2.00
CA ALA A 287 7.24 -4.57 -2.61
C ALA A 287 7.83 -5.60 -1.66
N LEU A 288 7.61 -5.41 -0.37
CA LEU A 288 8.19 -6.32 0.62
C LEU A 288 7.15 -7.04 1.48
N ALA A 289 5.93 -7.12 0.98
CA ALA A 289 4.85 -7.75 1.74
C ALA A 289 4.57 -9.22 1.48
N ILE A 290 4.98 -9.74 0.32
CA ILE A 290 4.71 -11.14 0.01
C ILE A 290 5.85 -12.04 0.53
N LYS A 291 5.73 -12.42 1.80
CA LYS A 291 6.72 -13.27 2.46
C LYS A 291 6.01 -14.49 2.99
N ARG A 292 6.69 -15.64 2.91
CA ARG A 292 6.13 -16.91 3.33
C ARG A 292 7.21 -17.81 3.93
N THR A 293 6.78 -18.89 4.57
CA THR A 293 7.66 -19.88 5.13
C THR A 293 7.16 -21.20 4.54
N ALA A 294 8.06 -22.02 4.05
CA ALA A 294 7.64 -23.29 3.49
C ALA A 294 7.23 -24.21 4.64
N LYS A 295 6.03 -24.76 4.54
CA LYS A 295 5.53 -25.69 5.56
C LYS A 295 6.09 -27.09 5.27
N GLU A 296 6.42 -27.33 4.02
CA GLU A 296 6.98 -28.60 3.57
C GLU A 296 7.80 -28.32 2.34
N ASP A 297 8.63 -29.29 1.95
CA ASP A 297 9.48 -29.15 0.77
C ASP A 297 8.69 -28.77 -0.47
N VAL A 298 9.16 -27.74 -1.17
CA VAL A 298 8.49 -27.29 -2.36
C VAL A 298 9.53 -26.94 -3.42
N MET A 299 9.25 -27.29 -4.66
CA MET A 299 10.16 -27.01 -5.75
C MET A 299 9.63 -25.81 -6.53
N ILE A 300 10.48 -24.80 -6.68
CA ILE A 300 10.12 -23.59 -7.42
C ILE A 300 11.22 -23.43 -8.45
N GLY A 301 10.88 -23.74 -9.71
CA GLY A 301 11.88 -23.68 -10.76
C GLY A 301 12.83 -24.84 -10.54
N ASP A 302 14.14 -24.56 -10.56
CA ASP A 302 15.15 -25.61 -10.36
C ASP A 302 15.80 -25.52 -8.98
N LYS A 303 15.06 -25.08 -7.97
CA LYS A 303 15.64 -24.90 -6.65
C LYS A 303 15.36 -25.77 -5.44
N LEU A 304 14.11 -26.11 -5.18
CA LEU A 304 13.75 -26.89 -3.99
C LEU A 304 13.94 -26.06 -2.71
N VAL A 305 12.83 -25.57 -2.20
CA VAL A 305 12.80 -24.80 -0.96
C VAL A 305 12.42 -25.83 0.09
N ARG A 306 13.29 -26.00 1.08
CA ARG A 306 13.05 -26.97 2.15
C ARG A 306 12.10 -26.48 3.22
N ALA A 307 11.42 -27.41 3.87
CA ALA A 307 10.50 -27.07 4.94
C ALA A 307 11.19 -26.12 5.92
N ASN A 308 10.45 -25.11 6.36
CA ASN A 308 10.95 -24.13 7.32
C ASN A 308 11.93 -23.10 6.79
N GLU A 309 12.02 -22.98 5.48
CA GLU A 309 12.88 -21.99 4.87
C GLU A 309 11.96 -20.84 4.44
N GLY A 310 12.46 -19.62 4.56
CA GLY A 310 11.67 -18.45 4.19
C GLY A 310 11.74 -18.06 2.73
N ILE A 311 10.69 -17.40 2.25
CA ILE A 311 10.59 -16.97 0.86
C ILE A 311 10.03 -15.55 0.79
N ILE A 312 10.58 -14.76 -0.13
CA ILE A 312 10.13 -13.40 -0.36
C ILE A 312 9.88 -13.34 -1.86
N ALA A 313 8.64 -13.03 -2.22
CA ALA A 313 8.26 -12.93 -3.63
C ALA A 313 8.19 -11.45 -3.98
N SER A 314 9.02 -11.02 -4.91
CA SER A 314 9.02 -9.61 -5.29
C SER A 314 7.98 -9.28 -6.37
N ASN A 315 6.88 -8.66 -5.97
CA ASN A 315 5.84 -8.26 -6.92
C ASN A 315 6.33 -7.10 -7.77
N GLN A 316 7.33 -6.38 -7.26
CA GLN A 316 7.93 -5.26 -7.98
C GLN A 316 8.69 -5.82 -9.19
N SER A 317 9.46 -6.88 -8.96
CA SER A 317 10.21 -7.53 -10.01
C SER A 317 9.23 -8.16 -11.01
N ALA A 318 8.19 -8.81 -10.50
CA ALA A 318 7.17 -9.45 -11.34
C ALA A 318 6.49 -8.45 -12.26
N ASN A 319 6.29 -7.24 -11.77
CA ASN A 319 5.66 -6.19 -12.55
C ASN A 319 6.54 -5.67 -13.69
N ARG A 320 7.83 -5.98 -13.63
CA ARG A 320 8.80 -5.60 -14.66
C ARG A 320 9.27 -6.83 -15.47
N ASP A 321 8.55 -7.94 -15.34
CA ASP A 321 8.89 -9.19 -16.02
C ASP A 321 8.65 -9.10 -17.53
N GLU A 322 9.74 -9.02 -18.28
CA GLU A 322 9.72 -8.91 -19.74
C GLU A 322 8.89 -10.01 -20.38
N GLU A 323 8.89 -11.17 -19.75
CA GLU A 323 8.16 -12.34 -20.21
C GLU A 323 6.64 -12.13 -20.19
N VAL A 324 6.17 -11.25 -19.31
CA VAL A 324 4.74 -10.97 -19.18
C VAL A 324 4.34 -9.62 -19.79
N PHE A 325 5.00 -8.55 -19.36
CA PHE A 325 4.73 -7.18 -19.84
C PHE A 325 5.82 -6.74 -20.82
N GLU A 326 5.44 -6.46 -22.07
CA GLU A 326 6.41 -6.02 -23.06
C GLU A 326 6.84 -4.59 -22.74
N ASN A 327 8.12 -4.28 -22.90
CA ASN A 327 8.67 -2.94 -22.56
C ASN A 327 8.23 -2.58 -21.14
N PRO A 328 8.58 -3.44 -20.16
CA PRO A 328 8.23 -3.24 -18.75
C PRO A 328 8.79 -2.01 -18.03
N ASP A 329 9.84 -1.42 -18.58
CA ASP A 329 10.45 -0.27 -17.94
C ASP A 329 10.02 1.04 -18.56
N GLU A 330 9.11 0.94 -19.52
CA GLU A 330 8.57 2.11 -20.19
C GLU A 330 7.25 2.39 -19.47
N PHE A 331 6.95 3.65 -19.19
CA PHE A 331 5.68 4.00 -18.54
C PHE A 331 4.70 4.35 -19.66
N ASN A 332 3.67 3.53 -19.84
CA ASN A 332 2.70 3.75 -20.90
C ASN A 332 1.26 3.45 -20.47
N MET A 333 0.48 4.50 -20.27
CA MET A 333 -0.91 4.33 -19.86
C MET A 333 -1.74 3.74 -21.00
N ASN A 334 -1.20 3.75 -22.21
CA ASN A 334 -1.89 3.20 -23.37
C ASN A 334 -1.43 1.76 -23.66
N ARG A 335 -0.70 1.21 -22.71
CA ARG A 335 -0.17 -0.15 -22.81
C ARG A 335 -1.26 -1.21 -23.06
N LYS A 336 -0.93 -2.18 -23.89
CA LYS A 336 -1.83 -3.28 -24.20
C LYS A 336 -1.57 -4.33 -23.12
N TRP A 337 -2.57 -4.56 -22.28
CA TRP A 337 -2.47 -5.49 -21.17
C TRP A 337 -2.60 -6.96 -21.51
N PRO A 338 -1.71 -7.80 -20.94
CA PRO A 338 -1.74 -9.25 -21.17
C PRO A 338 -2.85 -9.87 -20.32
N PRO A 339 -3.07 -11.19 -20.47
CA PRO A 339 -4.12 -11.79 -19.65
C PRO A 339 -3.71 -11.89 -18.16
N GLN A 340 -2.41 -11.96 -17.90
CA GLN A 340 -1.91 -12.05 -16.52
C GLN A 340 -2.00 -10.67 -15.88
N ASP A 341 -2.50 -10.59 -14.66
CA ASP A 341 -2.63 -9.27 -14.06
C ASP A 341 -1.45 -8.74 -13.26
N PRO A 342 -1.33 -7.40 -13.17
CA PRO A 342 -0.25 -6.77 -12.42
C PRO A 342 -0.38 -7.21 -10.96
N LEU A 343 0.74 -7.23 -10.26
CA LEU A 343 0.76 -7.68 -8.87
C LEU A 343 1.01 -6.55 -7.89
N GLY A 344 0.55 -5.34 -8.23
CA GLY A 344 0.73 -4.20 -7.35
C GLY A 344 0.06 -4.38 -5.99
N PHE A 345 -1.08 -5.08 -5.98
CA PHE A 345 -1.85 -5.32 -4.77
C PHE A 345 -1.76 -6.76 -4.24
N GLY A 346 -0.83 -7.53 -4.79
CA GLY A 346 -0.69 -8.90 -4.34
C GLY A 346 -1.41 -9.89 -5.23
N PHE A 347 -1.64 -11.08 -4.71
CA PHE A 347 -2.29 -12.15 -5.48
C PHE A 347 -2.73 -13.24 -4.51
N GLY A 348 -3.74 -14.00 -4.91
CA GLY A 348 -4.23 -15.05 -4.05
C GLY A 348 -5.22 -14.55 -3.01
N ASP A 349 -5.39 -15.34 -1.95
CA ASP A 349 -6.31 -15.02 -0.85
C ASP A 349 -5.92 -13.79 -0.07
N HIS A 350 -4.62 -13.52 0.04
CA HIS A 350 -4.13 -12.36 0.75
C HIS A 350 -4.04 -11.10 -0.10
N ARG A 351 -4.55 -11.16 -1.32
CA ARG A 351 -4.55 -10.01 -2.21
C ARG A 351 -5.24 -8.84 -1.47
N CYS A 352 -4.64 -7.66 -1.56
CA CYS A 352 -5.15 -6.46 -0.89
C CYS A 352 -6.65 -6.32 -0.81
N ILE A 353 -7.16 -6.28 0.41
CA ILE A 353 -8.59 -6.14 0.66
C ILE A 353 -9.13 -4.82 0.11
N ALA A 354 -8.28 -3.78 0.11
CA ALA A 354 -8.64 -2.45 -0.35
C ALA A 354 -8.24 -2.13 -1.79
N GLU A 355 -7.99 -3.15 -2.60
CA GLU A 355 -7.58 -2.94 -3.99
C GLU A 355 -8.53 -2.04 -4.77
N HIS A 356 -9.83 -2.35 -4.68
CA HIS A 356 -10.85 -1.57 -5.38
C HIS A 356 -10.99 -0.17 -4.81
N LEU A 357 -10.89 -0.02 -3.49
CA LEU A 357 -11.00 1.29 -2.86
C LEU A 357 -9.81 2.16 -3.30
N ALA A 358 -8.61 1.58 -3.27
CA ALA A 358 -7.39 2.26 -3.66
C ALA A 358 -7.46 2.74 -5.10
N LYS A 359 -7.86 1.86 -6.00
CA LYS A 359 -7.99 2.21 -7.41
C LYS A 359 -9.04 3.30 -7.63
N ALA A 360 -10.13 3.26 -6.85
CA ALA A 360 -11.19 4.25 -6.94
C ALA A 360 -10.68 5.60 -6.48
N GLU A 361 -9.91 5.60 -5.39
CA GLU A 361 -9.34 6.84 -4.87
C GLU A 361 -8.37 7.45 -5.87
N LEU A 362 -7.48 6.62 -6.43
CA LEU A 362 -6.50 7.08 -7.40
C LEU A 362 -7.13 7.56 -8.72
N THR A 363 -8.18 6.86 -9.18
CA THR A 363 -8.86 7.24 -10.40
C THR A 363 -9.59 8.58 -10.23
N THR A 364 -10.17 8.81 -9.05
CA THR A 364 -10.86 10.07 -8.76
C THR A 364 -9.86 11.20 -8.70
N VAL A 365 -8.72 10.96 -8.06
CA VAL A 365 -7.66 11.97 -7.95
C VAL A 365 -7.14 12.39 -9.33
N PHE A 366 -6.79 11.41 -10.16
CA PHE A 366 -6.23 11.72 -11.47
C PHE A 366 -7.19 12.12 -12.60
N SER A 367 -8.49 12.07 -12.34
CA SER A 367 -9.50 12.48 -13.32
C SER A 367 -10.05 13.84 -12.90
N THR A 368 -9.53 14.37 -11.80
CA THR A 368 -9.99 15.66 -11.25
C THR A 368 -8.86 16.68 -11.05
N LEU A 369 -7.71 16.23 -10.55
CA LEU A 369 -6.57 17.08 -10.27
C LEU A 369 -6.20 18.08 -11.36
N TYR A 370 -6.06 17.61 -12.59
CA TYR A 370 -5.69 18.48 -13.69
C TYR A 370 -6.83 19.25 -14.31
N GLN A 371 -8.05 18.92 -13.92
CA GLN A 371 -9.21 19.65 -14.42
C GLN A 371 -9.31 20.89 -13.51
N LYS A 372 -8.94 20.71 -12.24
CA LYS A 372 -8.95 21.79 -11.25
C LYS A 372 -7.73 22.69 -11.47
N PHE A 373 -6.57 22.08 -11.65
CA PHE A 373 -5.33 22.80 -11.86
C PHE A 373 -4.63 22.33 -13.15
N PRO A 374 -5.06 22.86 -14.31
CA PRO A 374 -4.43 22.45 -15.58
C PRO A 374 -2.96 22.83 -15.72
N ASP A 375 -2.52 23.86 -14.99
CA ASP A 375 -1.13 24.31 -15.05
C ASP A 375 -0.30 23.89 -13.85
N LEU A 376 -0.77 22.89 -13.12
CA LEU A 376 -0.06 22.39 -11.94
C LEU A 376 1.28 21.80 -12.37
N LYS A 377 2.35 22.24 -11.73
CA LYS A 377 3.67 21.70 -12.05
C LYS A 377 4.58 21.58 -10.85
N VAL A 378 5.49 20.61 -10.90
CA VAL A 378 6.46 20.41 -9.83
C VAL A 378 7.43 21.58 -9.89
N ALA A 379 7.50 22.33 -8.80
CA ALA A 379 8.35 23.53 -8.71
C ALA A 379 9.86 23.30 -8.61
N VAL A 380 10.25 22.09 -8.22
CA VAL A 380 11.66 21.74 -8.09
C VAL A 380 12.05 20.92 -9.34
N PRO A 381 13.34 20.96 -9.73
CA PRO A 381 13.78 20.19 -10.90
C PRO A 381 13.54 18.70 -10.59
N LEU A 382 13.03 17.95 -11.57
CA LEU A 382 12.72 16.54 -11.38
C LEU A 382 13.82 15.70 -10.75
N GLY A 383 15.07 16.00 -11.11
CA GLY A 383 16.19 15.27 -10.57
C GLY A 383 16.42 15.52 -9.09
N LYS A 384 15.75 16.56 -8.56
CA LYS A 384 15.89 16.92 -7.16
C LYS A 384 14.69 16.54 -6.29
N ILE A 385 13.78 15.71 -6.82
CA ILE A 385 12.61 15.30 -6.04
C ILE A 385 13.04 14.47 -4.85
N ASN A 386 12.51 14.81 -3.68
CA ASN A 386 12.84 14.13 -2.43
C ASN A 386 12.15 12.78 -2.24
N TYR A 387 12.68 11.76 -2.91
CA TYR A 387 12.15 10.40 -2.83
C TYR A 387 12.52 9.80 -1.47
N THR A 388 11.88 8.69 -1.12
CA THR A 388 12.17 8.01 0.13
C THR A 388 13.59 7.42 0.02
N PRO A 389 14.22 7.09 1.15
CA PRO A 389 15.57 6.52 1.10
C PRO A 389 15.63 5.25 0.25
N LEU A 390 16.70 5.11 -0.53
CA LEU A 390 16.86 3.98 -1.44
C LEU A 390 16.68 2.58 -0.88
N ASN A 391 16.98 2.39 0.40
CA ASN A 391 16.86 1.07 1.03
C ASN A 391 15.44 0.64 1.38
N ARG A 392 14.45 1.47 1.04
CA ARG A 392 13.06 1.13 1.31
C ARG A 392 12.15 1.33 0.11
N ASP A 393 10.87 1.03 0.30
CA ASP A 393 9.88 1.15 -0.77
C ASP A 393 9.88 2.52 -1.40
N VAL A 394 9.52 2.54 -2.69
CA VAL A 394 9.44 3.77 -3.48
C VAL A 394 8.39 4.71 -2.92
N GLY A 395 8.74 5.99 -2.87
CA GLY A 395 7.85 6.99 -2.37
C GLY A 395 8.48 8.36 -2.48
N ILE A 396 7.72 9.37 -2.08
CA ILE A 396 8.18 10.75 -2.13
C ILE A 396 7.82 11.38 -0.79
N VAL A 397 8.80 11.98 -0.15
CA VAL A 397 8.61 12.61 1.15
C VAL A 397 7.78 13.89 1.05
N ASP A 398 8.18 14.79 0.18
CA ASP A 398 7.46 16.04 -0.02
C ASP A 398 7.50 16.35 -1.51
N LEU A 399 6.56 17.15 -1.98
CA LEU A 399 6.51 17.49 -3.39
C LEU A 399 6.06 18.93 -3.60
N PRO A 400 7.01 19.87 -3.73
CA PRO A 400 6.66 21.27 -3.94
C PRO A 400 6.04 21.47 -5.32
N VAL A 401 4.89 22.11 -5.34
CA VAL A 401 4.15 22.34 -6.57
C VAL A 401 3.58 23.74 -6.68
N ILE A 402 3.42 24.22 -7.91
CA ILE A 402 2.83 25.52 -8.16
C ILE A 402 1.68 25.25 -9.13
N PHE A 403 0.68 26.12 -9.13
CA PHE A 403 -0.50 25.95 -9.97
C PHE A 403 -1.19 27.28 -10.27
CHA HEM B . -2.32 -6.35 1.62
CHB HEM B . -0.67 -3.12 -1.55
CHC HEM B . -3.92 0.07 0.00
CHD HEM B . -5.04 -2.89 3.56
C1A HEM B . -1.64 -5.77 0.58
C2A HEM B . -0.67 -6.43 -0.31
C3A HEM B . -0.06 -5.51 -1.11
C4A HEM B . -0.82 -4.28 -0.82
CMA HEM B . 1.12 -5.74 -2.06
CAA HEM B . -0.75 -7.86 -0.68
CBA HEM B . 0.00 -8.79 0.22
CGA HEM B . -0.34 -10.23 -0.09
O1A HEM B . -0.67 -10.53 -1.26
O2A HEM B . -0.28 -11.05 0.84
C1B HEM B . -1.42 -1.98 -1.40
C2B HEM B . -1.26 -0.83 -2.25
C3B HEM B . -2.19 0.07 -1.80
C4B HEM B . -2.91 -0.54 -0.72
CMB HEM B . -0.29 -0.76 -3.46
CAB HEM B . -2.36 1.39 -2.19
CBB HEM B . -2.59 1.78 -3.50
C1C HEM B . -4.52 -0.46 1.13
C2C HEM B . -5.47 0.26 1.95
C3C HEM B . -5.75 -0.56 2.98
C4C HEM B . -4.96 -1.75 2.78
CMC HEM B . -6.02 1.66 1.69
CAC HEM B . -6.59 -0.28 4.05
CBC HEM B . -7.97 -0.43 4.05
C1D HEM B . -4.43 -4.10 3.34
C2D HEM B . -4.62 -5.25 4.18
C3D HEM B . -3.89 -6.25 3.61
C4D HEM B . -3.24 -5.69 2.44
CMD HEM B . -5.53 -5.28 5.40
CAD HEM B . -3.84 -7.71 4.06
CBD HEM B . -4.88 -8.58 3.37
CGD HEM B . -4.78 -10.05 3.75
O1D HEM B . -5.77 -10.78 3.56
O2D HEM B . -3.71 -10.50 4.22
NA HEM B . -1.77 -4.45 0.21
NB HEM B . -2.43 -1.81 -0.45
NC HEM B . -4.20 -1.70 1.65
ND HEM B . -3.59 -4.37 2.27
FE HEM B . -2.99 -3.09 0.93
C CMO C . -1.67 -2.59 2.25
O CMO C . -0.68 -2.69 2.79
#